data_7UNJ
#
_entry.id   7UNJ
#
_cell.length_a   52.349
_cell.length_b   52.349
_cell.length_c   173.716
_cell.angle_alpha   90.000
_cell.angle_beta   90.000
_cell.angle_gamma   90.000
#
_symmetry.space_group_name_H-M   'P 41'
#
loop_
_entity.id
_entity.type
_entity.pdbx_description
1 polymer 'SP1-ZnPPaM designed chlorophyll dimer protein'
2 non-polymer '[methyl 9-ethenyl-14-ethyl-3-(3-methoxy-3-oxopropyl)-4,8,13,18-tetramethyl-20-oxophorbine-21-carboxylatato(2-)-kappa~4~N~23~,N~24~,N~25~,N~26~]zinc'
3 non-polymer 'SULFATE ION'
4 non-polymer 1,2-ETHANEDIOL
5 water water
#
_entity_poly.entity_id   1
_entity_poly.type   'polypeptide(L)'
_entity_poly.pdbx_seq_one_letter_code
;GGDSRELIARYQILLAELAAIRADIAAERTGDPYVRKLARELKRLAQEAAEEVKRDPSSSDVNMALLLILLMIELAVRAL
EAAERTGDPEVRELAAELVWLAVEAAEEVQRNPSSSDVWLALHLIMLAIWAAVAALEAAERTGDPEVRELARELVRLAVE
AAEEVQRNPSSKEVYMALLLILIAILEAVLSLLRAERSGDPEKREKARERVREAVERAEEVQR
;
_entity_poly.pdbx_strand_id   A,B
#
# COMPACT_ATOMS: atom_id res chain seq x y z
N ASP A 3 -17.34 22.25 -2.30
CA ASP A 3 -17.59 20.95 -2.91
C ASP A 3 -16.86 19.84 -2.18
N SER A 4 -17.36 18.62 -2.35
CA SER A 4 -16.58 17.46 -1.96
C SER A 4 -15.34 17.35 -2.83
N ARG A 5 -15.48 17.69 -4.12
CA ARG A 5 -14.34 17.65 -5.03
C ARG A 5 -13.22 18.55 -4.56
N GLU A 6 -13.57 19.71 -3.99
CA GLU A 6 -12.56 20.61 -3.46
C GLU A 6 -11.79 19.95 -2.32
N LEU A 7 -12.49 19.22 -1.46
CA LEU A 7 -11.81 18.56 -0.34
C LEU A 7 -10.88 17.45 -0.84
N ILE A 8 -11.35 16.66 -1.82
CA ILE A 8 -10.53 15.59 -2.37
C ILE A 8 -9.26 16.16 -3.01
N ALA A 9 -9.38 17.29 -3.71
CA ALA A 9 -8.22 17.86 -4.41
C ALA A 9 -7.16 18.36 -3.44
N ARG A 10 -7.61 19.01 -2.36
CA ARG A 10 -6.74 19.41 -1.27
C ARG A 10 -5.98 18.21 -0.71
N TYR A 11 -6.71 17.13 -0.45
CA TYR A 11 -6.15 15.89 0.07
C TYR A 11 -5.12 15.30 -0.87
N GLN A 12 -5.43 15.27 -2.16
CA GLN A 12 -4.52 14.63 -3.10
C GLN A 12 -3.26 15.44 -3.30
N ILE A 13 -3.37 16.77 -3.23
CA ILE A 13 -2.19 17.63 -3.30
C ILE A 13 -1.27 17.35 -2.11
N LEU A 14 -1.85 17.11 -0.95
CA LEU A 14 -1.01 16.76 0.21
C LEU A 14 -0.37 15.39 0.02
N LEU A 15 -1.15 14.42 -0.45
CA LEU A 15 -0.59 13.10 -0.73
C LEU A 15 0.59 13.20 -1.68
N ALA A 16 0.45 14.07 -2.68
CA ALA A 16 1.51 14.25 -3.68
C ALA A 16 2.73 14.91 -3.06
N GLU A 17 2.53 15.95 -2.24
CA GLU A 17 3.64 16.57 -1.53
C GLU A 17 4.38 15.56 -0.68
N LEU A 18 3.63 14.69 0.01
CA LEU A 18 4.25 13.69 0.87
C LEU A 18 4.99 12.64 0.07
N ALA A 19 4.42 12.21 -1.05
CA ALA A 19 5.10 11.23 -1.90
C ALA A 19 6.43 11.79 -2.44
N ALA A 20 6.44 13.07 -2.80
CA ALA A 20 7.67 13.71 -3.27
C ALA A 20 8.75 13.69 -2.19
N ILE A 21 8.39 14.00 -0.94
CA ILE A 21 9.37 13.93 0.15
C ILE A 21 9.85 12.50 0.37
N ARG A 22 8.92 11.53 0.39
CA ARG A 22 9.37 10.14 0.54
C ARG A 22 10.38 9.78 -0.56
N ALA A 23 10.12 10.20 -1.79
CA ALA A 23 11.05 9.89 -2.87
C ALA A 23 12.40 10.56 -2.66
N ASP A 24 12.39 11.84 -2.27
CA ASP A 24 13.62 12.56 -1.97
C ASP A 24 14.44 11.85 -0.91
N ILE A 25 13.79 11.48 0.19
CA ILE A 25 14.48 10.79 1.27
C ILE A 25 15.14 9.53 0.75
N ALA A 26 14.43 8.76 -0.07
CA ALA A 26 15.04 7.53 -0.58
C ALA A 26 16.17 7.84 -1.57
N ALA A 27 16.06 8.94 -2.32
CA ALA A 27 17.15 9.32 -3.21
C ALA A 27 18.41 9.64 -2.42
N GLU A 28 18.25 10.25 -1.24
CA GLU A 28 19.41 10.62 -0.43
C GLU A 28 20.03 9.43 0.28
N ARG A 29 19.22 8.45 0.67
CA ARG A 29 19.76 7.34 1.47
C ARG A 29 20.43 6.26 0.63
N THR A 30 20.07 6.10 -0.64
CA THR A 30 20.23 4.80 -1.31
C THR A 30 21.65 4.23 -1.37
N GLY A 31 22.55 4.82 -2.15
CA GLY A 31 23.82 4.14 -2.39
C GLY A 31 23.94 3.34 -3.68
N ASP A 32 22.88 3.22 -4.46
CA ASP A 32 22.96 2.66 -5.81
C ASP A 32 22.57 3.74 -6.81
N PRO A 33 23.40 4.04 -7.82
CA PRO A 33 23.10 5.17 -8.71
C PRO A 33 21.84 4.98 -9.50
N TYR A 34 21.46 3.75 -9.85
CA TYR A 34 20.23 3.58 -10.61
C TYR A 34 19.03 3.82 -9.73
N VAL A 35 19.07 3.31 -8.49
CA VAL A 35 18.00 3.61 -7.54
C VAL A 35 17.91 5.13 -7.34
N ARG A 36 19.05 5.80 -7.25
CA ARG A 36 19.01 7.24 -7.03
C ARG A 36 18.34 7.95 -8.20
N LYS A 37 18.72 7.57 -9.41
CA LYS A 37 18.11 8.21 -10.58
C LYS A 37 16.60 8.01 -10.59
N LEU A 38 16.16 6.79 -10.28
CA LEU A 38 14.73 6.49 -10.31
C LEU A 38 13.97 7.19 -9.20
N ALA A 39 14.55 7.29 -8.02
CA ALA A 39 13.85 7.98 -6.93
C ALA A 39 13.68 9.46 -7.27
N ARG A 40 14.66 10.06 -7.97
CA ARG A 40 14.46 11.44 -8.37
C ARG A 40 13.39 11.57 -9.44
N GLU A 41 13.27 10.57 -10.33
CA GLU A 41 12.15 10.56 -11.27
C GLU A 41 10.82 10.38 -10.56
N LEU A 42 10.77 9.55 -9.52
CA LEU A 42 9.51 9.41 -8.80
C LEU A 42 9.13 10.72 -8.11
N LYS A 43 10.14 11.42 -7.57
CA LYS A 43 9.90 12.76 -7.04
C LYS A 43 9.34 13.72 -8.08
N ARG A 44 9.97 13.77 -9.27
CA ARG A 44 9.50 14.64 -10.33
C ARG A 44 8.03 14.35 -10.69
N LEU A 45 7.68 13.06 -10.83
CA LEU A 45 6.30 12.69 -11.15
C LEU A 45 5.32 13.15 -10.08
N ALA A 46 5.71 13.07 -8.80
CA ALA A 46 4.79 13.52 -7.75
C ALA A 46 4.62 15.03 -7.78
N GLN A 47 5.70 15.76 -8.09
CA GLN A 47 5.58 17.21 -8.17
C GLN A 47 4.75 17.62 -9.38
N GLU A 48 4.94 16.94 -10.51
CA GLU A 48 4.14 17.29 -11.68
C GLU A 48 2.67 16.99 -11.41
N ALA A 49 2.39 15.96 -10.63
CA ALA A 49 1.01 15.65 -10.29
C ALA A 49 0.41 16.70 -9.36
N ALA A 50 1.14 17.09 -8.30
CA ALA A 50 0.64 18.18 -7.47
C ALA A 50 0.33 19.40 -8.33
N GLU A 51 1.20 19.69 -9.32
CA GLU A 51 1.02 20.88 -10.14
C GLU A 51 -0.20 20.77 -11.06
N GLU A 52 -0.44 19.59 -11.65
CA GLU A 52 -1.59 19.46 -12.53
C GLU A 52 -2.92 19.53 -11.78
N VAL A 53 -2.99 18.92 -10.58
CA VAL A 53 -4.21 19.04 -9.79
C VAL A 53 -4.45 20.49 -9.38
N LYS A 54 -3.36 21.21 -9.04
CA LYS A 54 -3.48 22.62 -8.72
C LYS A 54 -4.04 23.42 -9.89
N ARG A 55 -3.40 23.31 -11.07
CA ARG A 55 -3.84 24.09 -12.22
C ARG A 55 -5.30 23.82 -12.56
N ASP A 56 -5.73 22.56 -12.47
CA ASP A 56 -7.11 22.19 -12.82
C ASP A 56 -7.53 20.98 -12.00
N PRO A 57 -8.29 21.17 -10.93
CA PRO A 57 -8.83 20.02 -10.18
C PRO A 57 -10.08 19.39 -10.77
N SER A 58 -10.55 19.84 -11.95
CA SER A 58 -11.92 19.53 -12.36
C SER A 58 -12.05 18.31 -13.27
N SER A 59 -10.95 17.73 -13.75
CA SER A 59 -11.04 16.64 -14.72
C SER A 59 -10.96 15.29 -13.98
N SER A 60 -12.02 14.49 -14.07
CA SER A 60 -11.99 13.22 -13.36
C SER A 60 -11.00 12.24 -13.99
N ASP A 61 -10.80 12.31 -15.31
CA ASP A 61 -9.73 11.53 -15.93
C ASP A 61 -8.37 11.91 -15.37
N VAL A 62 -8.05 13.22 -15.38
CA VAL A 62 -6.77 13.68 -14.85
C VAL A 62 -6.60 13.30 -13.38
N ASN A 63 -7.67 13.48 -12.59
CA ASN A 63 -7.60 13.15 -11.16
C ASN A 63 -7.33 11.67 -10.94
N MET A 64 -7.98 10.79 -11.72
CA MET A 64 -7.72 9.36 -11.64
C MET A 64 -6.33 8.98 -12.15
N ALA A 65 -5.90 9.60 -13.23
CA ALA A 65 -4.56 9.37 -13.73
C ALA A 65 -3.53 9.73 -12.68
N LEU A 66 -3.74 10.87 -12.02
CA LEU A 66 -2.75 11.35 -11.06
C LEU A 66 -2.79 10.57 -9.76
N LEU A 67 -3.96 10.10 -9.36
CA LEU A 67 -4.03 9.29 -8.15
C LEU A 67 -3.21 8.01 -8.29
N LEU A 68 -3.40 7.29 -9.40
CA LEU A 68 -2.65 6.03 -9.58
C LEU A 68 -1.15 6.26 -9.56
N ILE A 69 -0.70 7.35 -10.17
CA ILE A 69 0.73 7.68 -10.19
C ILE A 69 1.23 7.88 -8.78
N LEU A 70 0.51 8.67 -7.98
CA LEU A 70 0.91 8.86 -6.60
C LEU A 70 0.96 7.55 -5.85
N LEU A 71 -0.02 6.69 -6.04
CA LEU A 71 -0.01 5.43 -5.31
C LEU A 71 1.14 4.55 -5.79
N MET A 72 1.36 4.52 -7.10
CA MET A 72 2.49 3.78 -7.62
C MET A 72 3.79 4.30 -7.02
N ILE A 73 3.90 5.62 -6.86
CA ILE A 73 5.14 6.18 -6.30
C ILE A 73 5.34 5.68 -4.88
N GLU A 74 4.29 5.78 -4.06
CA GLU A 74 4.36 5.29 -2.69
C GLU A 74 4.83 3.85 -2.68
N LEU A 75 4.20 3.03 -3.53
CA LEU A 75 4.61 1.64 -3.60
C LEU A 75 6.02 1.50 -4.13
N ALA A 76 6.34 2.18 -5.24
CA ALA A 76 7.64 1.99 -5.87
C ALA A 76 8.78 2.37 -4.91
N VAL A 77 8.59 3.42 -4.12
CA VAL A 77 9.67 3.85 -3.23
C VAL A 77 9.91 2.80 -2.14
N ARG A 78 8.83 2.28 -1.56
CA ARG A 78 8.96 1.23 -0.56
C ARG A 78 9.61 -0.01 -1.18
N ALA A 79 9.31 -0.25 -2.46
CA ALA A 79 9.85 -1.42 -3.16
C ALA A 79 11.33 -1.27 -3.42
N LEU A 80 11.76 -0.08 -3.80
CA LEU A 80 13.20 0.09 -4.00
C LEU A 80 13.92 -0.01 -2.66
N GLU A 81 13.32 0.54 -1.60
CA GLU A 81 13.96 0.51 -0.29
C GLU A 81 14.03 -0.92 0.25
N ALA A 82 12.94 -1.67 0.09
CA ALA A 82 12.95 -3.08 0.49
C ALA A 82 13.94 -3.89 -0.34
N ALA A 83 14.03 -3.62 -1.64
CA ALA A 83 14.99 -4.35 -2.50
C ALA A 83 16.44 -4.01 -2.16
N GLU A 84 16.69 -2.83 -1.60
CA GLU A 84 18.03 -2.50 -1.17
C GLU A 84 18.37 -3.18 0.15
N ARG A 85 17.39 -3.22 1.07
CA ARG A 85 17.61 -3.86 2.37
C ARG A 85 18.05 -5.32 2.24
N THR A 86 17.83 -5.96 1.10
CA THR A 86 18.36 -7.31 0.92
C THR A 86 19.87 -7.33 0.86
N GLY A 87 20.49 -6.23 0.41
CA GLY A 87 21.92 -6.17 0.16
C GLY A 87 22.39 -6.84 -1.11
N ASP A 88 21.50 -7.44 -1.88
CA ASP A 88 21.88 -8.16 -3.09
C ASP A 88 21.81 -7.24 -4.29
N PRO A 89 22.94 -7.01 -5.00
CA PRO A 89 22.91 -6.11 -6.18
C PRO A 89 21.97 -6.56 -7.30
N GLU A 90 21.60 -7.84 -7.38
CA GLU A 90 20.72 -8.22 -8.47
C GLU A 90 19.26 -7.99 -8.14
N VAL A 91 18.83 -8.34 -6.93
CA VAL A 91 17.55 -7.90 -6.39
C VAL A 91 17.39 -6.41 -6.70
N ARG A 92 18.37 -5.60 -6.29
CA ARG A 92 18.34 -4.15 -6.56
C ARG A 92 18.06 -3.85 -8.03
N GLU A 93 18.78 -4.50 -8.92
CA GLU A 93 18.71 -4.16 -10.33
C GLU A 93 17.38 -4.59 -10.95
N LEU A 94 16.86 -5.75 -10.54
CA LEU A 94 15.56 -6.20 -11.05
C LEU A 94 14.44 -5.27 -10.62
N ALA A 95 14.42 -4.92 -9.33
CA ALA A 95 13.39 -3.99 -8.89
C ALA A 95 13.52 -2.68 -9.65
N ALA A 96 14.76 -2.25 -9.89
CA ALA A 96 14.97 -0.99 -10.59
C ALA A 96 14.41 -1.02 -12.01
N GLU A 97 14.61 -2.13 -12.73
CA GLU A 97 14.08 -2.23 -14.09
C GLU A 97 12.55 -2.14 -14.10
N LEU A 98 11.88 -2.81 -13.15
CA LEU A 98 10.43 -2.70 -13.04
C LEU A 98 9.99 -1.27 -12.69
N VAL A 99 10.74 -0.58 -11.80
CA VAL A 99 10.34 0.79 -11.46
C VAL A 99 10.55 1.70 -12.66
N TRP A 100 11.62 1.45 -13.43
CA TRP A 100 11.81 2.25 -14.65
C TRP A 100 10.64 2.06 -15.59
N LEU A 101 10.11 0.83 -15.70
CA LEU A 101 8.95 0.60 -16.56
C LEU A 101 7.73 1.34 -16.04
N ALA A 102 7.60 1.38 -14.71
CA ALA A 102 6.45 2.08 -14.13
C ALA A 102 6.54 3.57 -14.38
N VAL A 103 7.75 4.12 -14.33
CA VAL A 103 7.91 5.54 -14.64
C VAL A 103 7.52 5.80 -16.10
N GLU A 104 7.95 4.93 -17.03
CA GLU A 104 7.55 5.08 -18.43
C GLU A 104 6.03 4.96 -18.60
N ALA A 105 5.41 3.99 -17.90
CA ALA A 105 3.95 3.84 -18.00
C ALA A 105 3.23 5.02 -17.36
N ALA A 106 3.80 5.62 -16.31
CA ALA A 106 3.21 6.82 -15.73
C ALA A 106 3.23 7.99 -16.71
N GLU A 107 4.35 8.16 -17.42
CA GLU A 107 4.43 9.21 -18.43
C GLU A 107 3.35 9.02 -19.49
N GLU A 108 3.09 7.78 -19.89
CA GLU A 108 2.03 7.55 -20.88
C GLU A 108 0.66 7.90 -20.31
N VAL A 109 0.44 7.58 -19.03
CA VAL A 109 -0.81 7.97 -18.36
C VAL A 109 -0.93 9.49 -18.33
N GLN A 110 0.15 10.19 -17.97
CA GLN A 110 0.15 11.65 -17.99
C GLN A 110 -0.22 12.18 -19.36
N ARG A 111 0.32 11.57 -20.41
CA ARG A 111 0.03 12.05 -21.77
C ARG A 111 -1.36 11.70 -22.27
N ASN A 112 -2.01 10.70 -21.68
CA ASN A 112 -3.28 10.20 -22.21
C ASN A 112 -4.17 9.77 -21.05
N PRO A 113 -4.56 10.72 -20.20
CA PRO A 113 -5.29 10.32 -18.99
C PRO A 113 -6.68 9.78 -19.30
N SER A 114 -7.19 9.98 -20.52
CA SER A 114 -8.51 9.42 -20.82
C SER A 114 -8.46 7.97 -21.30
N SER A 115 -7.28 7.37 -21.45
CA SER A 115 -7.21 6.04 -22.03
C SER A 115 -7.24 4.99 -20.92
N SER A 116 -8.30 4.19 -20.92
CA SER A 116 -8.43 3.15 -19.90
C SER A 116 -7.34 2.08 -20.02
N ASP A 117 -7.02 1.65 -21.25
CA ASP A 117 -5.95 0.67 -21.44
C ASP A 117 -4.61 1.14 -20.88
N VAL A 118 -4.30 2.43 -21.04
CA VAL A 118 -3.01 2.93 -20.58
C VAL A 118 -2.98 3.00 -19.06
N TRP A 119 -4.12 3.37 -18.45
CA TRP A 119 -4.23 3.38 -17.00
C TRP A 119 -4.06 1.98 -16.43
N LEU A 120 -4.70 1.01 -17.07
CA LEU A 120 -4.64 -0.38 -16.61
C LEU A 120 -3.24 -0.95 -16.76
N ALA A 121 -2.50 -0.52 -17.79
CA ALA A 121 -1.12 -1.00 -17.95
C ALA A 121 -0.26 -0.54 -16.79
N LEU A 122 -0.33 0.75 -16.43
CA LEU A 122 0.36 1.22 -15.23
C LEU A 122 -0.10 0.46 -13.99
N HIS A 123 -1.40 0.20 -13.89
CA HIS A 123 -1.91 -0.49 -12.71
C HIS A 123 -1.37 -1.93 -12.61
N LEU A 124 -1.36 -2.67 -13.72
CA LEU A 124 -0.78 -4.01 -13.65
C LEU A 124 0.70 -3.97 -13.35
N ILE A 125 1.44 -2.99 -13.86
CA ILE A 125 2.87 -2.93 -13.55
C ILE A 125 3.10 -2.65 -12.06
N MET A 126 2.29 -1.78 -11.47
CA MET A 126 2.32 -1.59 -10.02
C MET A 126 2.07 -2.90 -9.28
N LEU A 127 1.10 -3.71 -9.75
CA LEU A 127 0.90 -5.02 -9.12
C LEU A 127 2.12 -5.92 -9.30
N ALA A 128 2.76 -5.85 -10.47
CA ALA A 128 3.97 -6.63 -10.71
C ALA A 128 5.08 -6.26 -9.73
N ILE A 129 5.27 -4.96 -9.49
CA ILE A 129 6.27 -4.51 -8.51
C ILE A 129 5.97 -5.13 -7.14
N TRP A 130 4.71 -5.09 -6.72
CA TRP A 130 4.30 -5.64 -5.43
C TRP A 130 4.64 -7.14 -5.33
N ALA A 131 4.29 -7.90 -6.35
CA ALA A 131 4.60 -9.33 -6.36
C ALA A 131 6.12 -9.55 -6.38
N ALA A 132 6.83 -8.82 -7.24
CA ALA A 132 8.27 -9.05 -7.38
C ALA A 132 9.00 -8.86 -6.05
N VAL A 133 8.64 -7.82 -5.30
CA VAL A 133 9.35 -7.58 -4.05
C VAL A 133 8.96 -8.63 -3.02
N ALA A 134 7.72 -9.09 -3.03
CA ALA A 134 7.35 -10.17 -2.13
C ALA A 134 8.19 -11.44 -2.43
N ALA A 135 8.40 -11.74 -3.71
CA ALA A 135 9.20 -12.91 -4.08
C ALA A 135 10.65 -12.76 -3.64
N LEU A 136 11.26 -11.61 -3.94
CA LEU A 136 12.67 -11.44 -3.66
C LEU A 136 12.92 -11.37 -2.17
N GLU A 137 11.97 -10.84 -1.40
CA GLU A 137 12.11 -10.83 0.05
C GLU A 137 11.97 -12.23 0.63
N ALA A 138 10.97 -12.99 0.17
CA ALA A 138 10.81 -14.36 0.65
C ALA A 138 12.01 -15.22 0.28
N ALA A 139 12.63 -14.96 -0.87
CA ALA A 139 13.80 -15.76 -1.23
C ALA A 139 14.99 -15.38 -0.36
N GLU A 140 15.13 -14.11 0.02
CA GLU A 140 16.24 -13.76 0.90
C GLU A 140 16.09 -14.43 2.28
N ARG A 141 14.84 -14.67 2.73
CA ARG A 141 14.65 -15.33 4.03
C ARG A 141 15.22 -16.75 4.06
N THR A 142 15.29 -17.43 2.91
CA THR A 142 15.58 -18.87 2.90
C THR A 142 17.05 -19.19 2.89
N GLY A 143 17.89 -18.30 2.35
CA GLY A 143 19.29 -18.66 2.16
C GLY A 143 19.54 -19.95 1.39
N ASP A 144 18.57 -20.43 0.61
CA ASP A 144 18.81 -21.60 -0.23
C ASP A 144 19.18 -21.10 -1.62
N PRO A 145 20.39 -21.40 -2.13
CA PRO A 145 20.83 -20.73 -3.37
C PRO A 145 19.93 -21.02 -4.56
N GLU A 146 19.39 -22.24 -4.67
CA GLU A 146 18.54 -22.53 -5.83
C GLU A 146 17.25 -21.72 -5.77
N VAL A 147 16.60 -21.65 -4.60
CA VAL A 147 15.38 -20.86 -4.47
C VAL A 147 15.64 -19.42 -4.84
N ARG A 148 16.76 -18.86 -4.37
CA ARG A 148 17.04 -17.48 -4.67
C ARG A 148 17.23 -17.31 -6.17
N GLU A 149 17.79 -18.31 -6.84
CA GLU A 149 17.96 -18.22 -8.29
C GLU A 149 16.62 -18.36 -9.03
N LEU A 150 15.73 -19.21 -8.53
CA LEU A 150 14.42 -19.37 -9.18
C LEU A 150 13.58 -18.11 -9.01
N ALA A 151 13.71 -17.46 -7.86
CA ALA A 151 12.97 -16.24 -7.66
C ALA A 151 13.48 -15.17 -8.60
N ARG A 152 14.80 -15.14 -8.81
CA ARG A 152 15.32 -14.22 -9.82
C ARG A 152 14.76 -14.53 -11.18
N GLU A 153 14.66 -15.83 -11.52
CA GLU A 153 14.17 -16.17 -12.86
C GLU A 153 12.73 -15.70 -13.05
N LEU A 154 11.88 -15.92 -12.02
CA LEU A 154 10.52 -15.44 -12.06
C LEU A 154 10.45 -13.95 -12.27
N VAL A 155 11.28 -13.20 -11.55
CA VAL A 155 11.19 -11.75 -11.67
C VAL A 155 11.70 -11.29 -13.03
N ARG A 156 12.72 -11.97 -13.57
CA ARG A 156 13.20 -11.61 -14.91
C ARG A 156 12.10 -11.82 -15.96
N LEU A 157 11.33 -12.89 -15.83
CA LEU A 157 10.16 -13.09 -16.67
C LEU A 157 9.15 -11.97 -16.49
N ALA A 158 8.96 -11.48 -15.26
CA ALA A 158 7.99 -10.41 -15.07
C ALA A 158 8.48 -9.12 -15.71
N VAL A 159 9.77 -8.84 -15.61
CA VAL A 159 10.32 -7.63 -16.27
C VAL A 159 10.05 -7.69 -17.77
N GLU A 160 10.38 -8.83 -18.39
CA GLU A 160 10.15 -8.95 -19.83
C GLU A 160 8.67 -8.79 -20.15
N ALA A 161 7.79 -9.38 -19.34
CA ALA A 161 6.38 -9.27 -19.68
C ALA A 161 5.82 -7.87 -19.37
N ALA A 162 6.39 -7.19 -18.35
CA ALA A 162 5.93 -5.84 -18.04
C ALA A 162 6.39 -4.85 -19.13
N GLU A 163 7.59 -5.04 -19.68
CA GLU A 163 7.98 -4.20 -20.81
C GLU A 163 6.97 -4.33 -21.95
N GLU A 164 6.53 -5.55 -22.26
CA GLU A 164 5.60 -5.72 -23.38
C GLU A 164 4.25 -5.06 -23.10
N VAL A 165 3.77 -5.13 -21.86
CA VAL A 165 2.54 -4.44 -21.48
C VAL A 165 2.74 -2.93 -21.64
N GLN A 166 3.85 -2.42 -21.09
CA GLN A 166 4.12 -0.99 -21.14
C GLN A 166 4.11 -0.49 -22.58
N ARG A 167 4.68 -1.27 -23.48
CA ARG A 167 4.84 -0.80 -24.85
C ARG A 167 3.61 -1.10 -25.71
N ASN A 168 2.68 -1.94 -25.25
CA ASN A 168 1.48 -2.26 -26.03
C ASN A 168 0.30 -2.36 -25.10
N PRO A 169 -0.13 -1.24 -24.53
CA PRO A 169 -1.15 -1.32 -23.47
C PRO A 169 -2.49 -1.86 -23.96
N SER A 170 -2.79 -1.80 -25.24
CA SER A 170 -4.12 -2.24 -25.65
C SER A 170 -4.17 -3.71 -26.07
N SER A 171 -3.06 -4.46 -25.96
CA SER A 171 -3.09 -5.88 -26.31
C SER A 171 -3.57 -6.70 -25.11
N LYS A 172 -4.64 -7.48 -25.32
CA LYS A 172 -5.16 -8.28 -24.22
C LYS A 172 -4.30 -9.52 -23.97
N GLU A 173 -3.73 -10.10 -25.03
CA GLU A 173 -2.86 -11.26 -24.84
C GLU A 173 -1.63 -10.91 -24.01
N VAL A 174 -1.07 -9.72 -24.23
CA VAL A 174 0.12 -9.34 -23.50
C VAL A 174 -0.23 -9.04 -22.04
N TYR A 175 -1.34 -8.36 -21.82
CA TYR A 175 -1.84 -8.13 -20.47
C TYR A 175 -2.01 -9.45 -19.71
N MET A 176 -2.74 -10.39 -20.30
CA MET A 176 -2.92 -11.70 -19.68
C MET A 176 -1.59 -12.42 -19.44
N ALA A 177 -0.62 -12.24 -20.35
CA ALA A 177 0.67 -12.91 -20.14
C ALA A 177 1.36 -12.41 -18.86
N LEU A 178 1.29 -11.11 -18.57
CA LEU A 178 1.85 -10.61 -17.30
C LEU A 178 1.06 -11.16 -16.11
N LEU A 179 -0.27 -11.14 -16.21
CA LEU A 179 -1.08 -11.65 -15.10
C LEU A 179 -0.72 -13.11 -14.78
N LEU A 180 -0.42 -13.89 -15.81
CA LEU A 180 -0.11 -15.29 -15.60
C LEU A 180 1.21 -15.44 -14.86
N ILE A 181 2.16 -14.57 -15.17
CA ILE A 181 3.44 -14.55 -14.47
C ILE A 181 3.24 -14.14 -13.02
N LEU A 182 2.39 -13.12 -12.77
CA LEU A 182 2.18 -12.71 -11.39
C LEU A 182 1.52 -13.83 -10.59
N ILE A 183 0.58 -14.55 -11.20
CA ILE A 183 0.00 -15.71 -10.52
C ILE A 183 1.08 -16.72 -10.14
N ALA A 184 2.00 -17.01 -11.08
CA ALA A 184 3.09 -17.91 -10.77
C ALA A 184 3.96 -17.37 -9.63
N ILE A 185 4.22 -16.07 -9.64
CA ILE A 185 5.06 -15.52 -8.59
C ILE A 185 4.40 -15.66 -7.23
N LEU A 186 3.08 -15.40 -7.16
CA LEU A 186 2.42 -15.48 -5.85
C LEU A 186 2.32 -16.92 -5.37
N GLU A 187 2.12 -17.87 -6.29
CA GLU A 187 2.15 -19.28 -5.89
C GLU A 187 3.51 -19.66 -5.32
N ALA A 188 4.58 -19.13 -5.91
CA ALA A 188 5.91 -19.37 -5.36
C ALA A 188 6.09 -18.69 -4.00
N VAL A 189 5.65 -17.45 -3.85
CA VAL A 189 5.76 -16.80 -2.54
C VAL A 189 5.01 -17.61 -1.48
N LEU A 190 3.81 -18.06 -1.82
CA LEU A 190 2.99 -18.81 -0.87
C LEU A 190 3.68 -20.11 -0.45
N SER A 191 4.37 -20.77 -1.38
CA SER A 191 5.11 -21.98 -1.04
C SER A 191 6.26 -21.70 -0.10
N LEU A 192 6.98 -20.59 -0.30
CA LEU A 192 8.12 -20.30 0.56
C LEU A 192 7.68 -19.95 1.98
N LEU A 193 6.61 -19.16 2.12
CA LEU A 193 6.19 -18.77 3.46
C LEU A 193 5.61 -19.93 4.22
N ARG A 194 4.84 -20.79 3.54
CA ARG A 194 4.30 -21.96 4.23
C ARG A 194 5.41 -22.91 4.70
N ALA A 195 6.55 -22.95 4.01
CA ALA A 195 7.66 -23.76 4.47
C ALA A 195 8.49 -23.04 5.52
N GLU A 196 8.61 -21.71 5.40
CA GLU A 196 9.21 -20.90 6.45
C GLU A 196 8.56 -21.16 7.81
N ARG A 197 7.27 -21.50 7.82
CA ARG A 197 6.55 -21.74 9.07
C ARG A 197 6.77 -23.15 9.60
N SER A 198 6.70 -24.15 8.71
CA SER A 198 6.67 -25.55 9.13
C SER A 198 7.96 -25.98 9.83
N GLY A 199 7.91 -27.18 10.39
CA GLY A 199 9.06 -27.73 11.08
C GLY A 199 9.78 -28.81 10.29
N ASP A 200 9.02 -29.60 9.50
CA ASP A 200 9.57 -30.72 8.74
C ASP A 200 10.69 -30.28 7.81
N PRO A 201 11.94 -30.70 8.05
CA PRO A 201 13.05 -30.21 7.20
C PRO A 201 13.00 -30.73 5.78
N GLU A 202 12.10 -31.67 5.48
CA GLU A 202 11.74 -32.03 4.11
C GLU A 202 10.88 -30.95 3.45
N LYS A 203 10.36 -30.01 4.22
CA LYS A 203 9.53 -28.96 3.64
C LYS A 203 10.36 -27.99 2.82
N ARG A 204 11.67 -27.95 3.04
CA ARG A 204 12.52 -27.12 2.21
C ARG A 204 12.54 -27.64 0.78
N GLU A 205 12.75 -28.95 0.61
CA GLU A 205 12.78 -29.52 -0.72
C GLU A 205 11.40 -29.51 -1.35
N LYS A 206 10.36 -29.68 -0.53
CA LYS A 206 8.99 -29.54 -1.04
C LYS A 206 8.74 -28.13 -1.53
N ALA A 207 9.13 -27.13 -0.76
CA ALA A 207 8.97 -25.76 -1.22
C ALA A 207 9.74 -25.54 -2.51
N ARG A 208 10.95 -26.10 -2.58
CA ARG A 208 11.78 -25.94 -3.77
C ARG A 208 11.08 -26.51 -4.98
N GLU A 209 10.52 -27.71 -4.87
CA GLU A 209 9.90 -28.30 -6.05
C GLU A 209 8.64 -27.52 -6.47
N ARG A 210 7.92 -26.92 -5.51
CA ARG A 210 6.78 -26.08 -5.90
C ARG A 210 7.23 -24.79 -6.60
N VAL A 211 8.36 -24.22 -6.18
CA VAL A 211 8.84 -23.03 -6.88
C VAL A 211 9.33 -23.41 -8.29
N ARG A 212 10.03 -24.54 -8.41
CA ARG A 212 10.48 -25.01 -9.73
C ARG A 212 9.29 -25.15 -10.67
N GLU A 213 8.21 -25.77 -10.19
CA GLU A 213 7.01 -25.95 -10.97
C GLU A 213 6.38 -24.61 -11.32
N ALA A 214 6.48 -23.62 -10.42
CA ALA A 214 5.95 -22.30 -10.72
C ALA A 214 6.72 -21.65 -11.86
N VAL A 215 8.06 -21.79 -11.88
CA VAL A 215 8.86 -21.22 -12.96
C VAL A 215 8.52 -21.89 -14.29
N GLU A 216 8.29 -23.19 -14.27
CA GLU A 216 7.93 -23.93 -15.49
C GLU A 216 6.64 -23.37 -16.09
N ARG A 217 5.63 -23.19 -15.25
CA ARG A 217 4.36 -22.60 -15.70
C ARG A 217 4.58 -21.22 -16.30
N ALA A 218 5.30 -20.36 -15.59
CA ALA A 218 5.58 -19.02 -16.10
C ALA A 218 6.21 -19.08 -17.49
N GLU A 219 7.21 -19.96 -17.66
CA GLU A 219 7.97 -19.97 -18.91
C GLU A 219 7.12 -20.47 -20.08
N GLU A 220 6.10 -21.28 -19.81
CA GLU A 220 5.14 -21.65 -20.84
C GLU A 220 4.39 -20.42 -21.37
N SER B 4 -9.62 -14.84 -18.18
CA SER B 4 -9.65 -13.41 -17.83
C SER B 4 -10.18 -13.24 -16.41
N ARG B 5 -11.50 -13.28 -16.27
CA ARG B 5 -12.10 -13.27 -14.93
C ARG B 5 -11.60 -14.46 -14.13
N GLU B 6 -11.42 -15.60 -14.79
CA GLU B 6 -10.85 -16.77 -14.13
C GLU B 6 -9.45 -16.46 -13.59
N LEU B 7 -8.64 -15.75 -14.38
CA LEU B 7 -7.28 -15.41 -13.93
C LEU B 7 -7.31 -14.46 -12.74
N ILE B 8 -8.19 -13.45 -12.78
CA ILE B 8 -8.27 -12.50 -11.69
C ILE B 8 -8.67 -13.21 -10.41
N ALA B 9 -9.59 -14.19 -10.51
CA ALA B 9 -10.08 -14.90 -9.32
C ALA B 9 -8.98 -15.74 -8.68
N ARG B 10 -8.18 -16.41 -9.52
CA ARG B 10 -7.03 -17.17 -9.03
C ARG B 10 -6.06 -16.25 -8.31
N TYR B 11 -5.78 -15.11 -8.94
CA TYR B 11 -4.90 -14.09 -8.40
C TYR B 11 -5.39 -13.59 -7.05
N GLN B 12 -6.70 -13.30 -6.95
CA GLN B 12 -7.22 -12.75 -5.70
C GLN B 12 -7.24 -13.78 -4.59
N ILE B 13 -7.44 -15.05 -4.93
CA ILE B 13 -7.37 -16.09 -3.91
C ILE B 13 -5.96 -16.18 -3.34
N LEU B 14 -4.96 -16.04 -4.21
CA LEU B 14 -3.58 -16.05 -3.73
C LEU B 14 -3.31 -14.85 -2.85
N LEU B 15 -3.75 -13.66 -3.28
CA LEU B 15 -3.55 -12.46 -2.45
C LEU B 15 -4.18 -12.65 -1.08
N ALA B 16 -5.35 -13.30 -1.05
CA ALA B 16 -6.05 -13.54 0.22
C ALA B 16 -5.30 -14.54 1.08
N GLU B 17 -4.82 -15.65 0.48
CA GLU B 17 -4.01 -16.59 1.24
C GLU B 17 -2.77 -15.93 1.81
N LEU B 18 -2.15 -15.02 1.03
CA LEU B 18 -0.96 -14.32 1.51
C LEU B 18 -1.31 -13.32 2.60
N ALA B 19 -2.44 -12.61 2.46
CA ALA B 19 -2.84 -11.69 3.52
C ALA B 19 -3.11 -12.43 4.84
N ALA B 20 -3.72 -13.60 4.77
CA ALA B 20 -3.97 -14.40 5.97
C ALA B 20 -2.67 -14.79 6.67
N ILE B 21 -1.65 -15.17 5.90
CA ILE B 21 -0.35 -15.51 6.52
C ILE B 21 0.30 -14.27 7.13
N ARG B 22 0.24 -13.14 6.42
CA ARG B 22 0.83 -11.93 6.99
C ARG B 22 0.15 -11.56 8.30
N ALA B 23 -1.19 -11.75 8.38
CA ALA B 23 -1.91 -11.48 9.63
C ALA B 23 -1.48 -12.45 10.72
N ASP B 24 -1.39 -13.73 10.37
CA ASP B 24 -0.98 -14.75 11.32
C ASP B 24 0.39 -14.43 11.89
N ILE B 25 1.34 -14.08 11.02
CA ILE B 25 2.68 -13.77 11.47
C ILE B 25 2.65 -12.63 12.45
N ALA B 26 1.83 -11.61 12.16
CA ALA B 26 1.81 -10.47 13.08
C ALA B 26 1.14 -10.84 14.38
N ALA B 27 0.14 -11.72 14.33
CA ALA B 27 -0.47 -12.20 15.55
C ALA B 27 0.55 -12.91 16.44
N GLU B 28 1.48 -13.67 15.83
CA GLU B 28 2.48 -14.38 16.63
C GLU B 28 3.54 -13.43 17.17
N ARG B 29 3.92 -12.41 16.40
CA ARG B 29 5.02 -11.54 16.81
C ARG B 29 4.61 -10.56 17.90
N THR B 30 3.36 -10.14 17.95
CA THR B 30 3.02 -8.98 18.76
C THR B 30 3.13 -9.24 20.25
N GLY B 31 3.39 -8.16 20.99
CA GLY B 31 3.37 -8.18 22.43
C GLY B 31 2.15 -7.55 23.07
N ASP B 32 1.13 -7.21 22.30
CA ASP B 32 -0.04 -6.53 22.82
C ASP B 32 -1.28 -7.39 22.60
N PRO B 33 -2.06 -7.69 23.65
CA PRO B 33 -3.19 -8.60 23.46
C PRO B 33 -4.26 -8.04 22.53
N TYR B 34 -4.42 -6.71 22.47
CA TYR B 34 -5.44 -6.15 21.56
C TYR B 34 -4.98 -6.30 20.13
N VAL B 35 -3.71 -5.96 19.87
CA VAL B 35 -3.15 -6.19 18.55
C VAL B 35 -3.31 -7.67 18.17
N ARG B 36 -3.05 -8.56 19.12
CA ARG B 36 -3.17 -9.99 18.80
C ARG B 36 -4.59 -10.35 18.39
N LYS B 37 -5.56 -9.91 19.17
CA LYS B 37 -6.97 -10.16 18.84
C LYS B 37 -7.32 -9.64 17.45
N LEU B 38 -6.92 -8.40 17.15
CA LEU B 38 -7.23 -7.82 15.84
C LEU B 38 -6.51 -8.53 14.70
N ALA B 39 -5.25 -8.91 14.90
CA ALA B 39 -4.56 -9.60 13.81
C ALA B 39 -5.24 -10.93 13.50
N ARG B 40 -5.77 -11.62 14.52
CA ARG B 40 -6.49 -12.85 14.23
C ARG B 40 -7.80 -12.57 13.51
N GLU B 41 -8.47 -11.45 13.85
CA GLU B 41 -9.65 -11.02 13.10
C GLU B 41 -9.32 -10.70 11.64
N LEU B 42 -8.18 -10.03 11.40
CA LEU B 42 -7.82 -9.74 10.01
C LEU B 42 -7.56 -11.04 9.25
N LYS B 43 -6.92 -12.01 9.91
CA LYS B 43 -6.72 -13.34 9.33
C LYS B 43 -8.04 -14.02 9.00
N ARG B 44 -8.99 -14.02 9.93
CA ARG B 44 -10.32 -14.58 9.68
C ARG B 44 -10.96 -13.94 8.43
N LEU B 45 -10.90 -12.60 8.34
CA LEU B 45 -11.49 -11.91 7.19
C LEU B 45 -10.86 -12.33 5.86
N ALA B 46 -9.53 -12.47 5.83
CA ALA B 46 -8.90 -12.88 4.57
C ALA B 46 -9.30 -14.29 4.19
N GLN B 47 -9.43 -15.17 5.20
CA GLN B 47 -9.84 -16.53 4.92
C GLN B 47 -11.28 -16.57 4.40
N GLU B 48 -12.17 -15.82 5.04
CA GLU B 48 -13.55 -15.80 4.57
C GLU B 48 -13.64 -15.23 3.16
N ALA B 49 -12.79 -14.26 2.83
CA ALA B 49 -12.75 -13.72 1.48
C ALA B 49 -12.29 -14.77 0.48
N ALA B 50 -11.19 -15.48 0.77
CA ALA B 50 -10.75 -16.53 -0.14
C ALA B 50 -11.88 -17.51 -0.40
N GLU B 51 -12.69 -17.82 0.63
CA GLU B 51 -13.73 -18.82 0.47
C GLU B 51 -14.96 -18.27 -0.24
N GLU B 52 -15.27 -16.97 -0.11
CA GLU B 52 -16.35 -16.43 -0.92
C GLU B 52 -15.98 -16.39 -2.39
N VAL B 53 -14.75 -15.99 -2.73
CA VAL B 53 -14.33 -15.97 -4.12
C VAL B 53 -14.28 -17.39 -4.69
N LYS B 54 -13.84 -18.36 -3.88
CA LYS B 54 -13.84 -19.75 -4.30
C LYS B 54 -15.23 -20.21 -4.71
N ARG B 55 -16.21 -20.06 -3.81
CA ARG B 55 -17.55 -20.58 -4.09
C ARG B 55 -18.18 -19.92 -5.31
N ASP B 56 -18.10 -18.59 -5.39
CA ASP B 56 -18.81 -17.83 -6.44
C ASP B 56 -17.91 -16.69 -6.90
N PRO B 57 -17.07 -16.93 -7.90
CA PRO B 57 -16.23 -15.85 -8.45
C PRO B 57 -16.95 -14.88 -9.39
N SER B 58 -18.23 -15.11 -9.70
CA SER B 58 -18.85 -14.41 -10.82
C SER B 58 -19.59 -13.12 -10.45
N SER B 59 -19.58 -12.72 -9.18
CA SER B 59 -20.25 -11.49 -8.77
C SER B 59 -19.21 -10.37 -8.66
N SER B 60 -19.36 -9.32 -9.47
CA SER B 60 -18.36 -8.25 -9.38
C SER B 60 -18.54 -7.41 -8.12
N ASP B 61 -19.77 -7.28 -7.63
CA ASP B 61 -19.99 -6.68 -6.32
C ASP B 61 -19.15 -7.39 -5.26
N VAL B 62 -19.32 -8.71 -5.14
CA VAL B 62 -18.58 -9.49 -4.14
C VAL B 62 -17.08 -9.40 -4.38
N ASN B 63 -16.65 -9.43 -5.64
CA ASN B 63 -15.21 -9.36 -5.94
C ASN B 63 -14.62 -8.02 -5.51
N MET B 64 -15.32 -6.92 -5.78
CA MET B 64 -14.90 -5.60 -5.32
C MET B 64 -14.93 -5.49 -3.80
N ALA B 65 -15.97 -6.02 -3.17
CA ALA B 65 -16.05 -6.00 -1.73
C ALA B 65 -14.86 -6.74 -1.13
N LEU B 66 -14.54 -7.91 -1.68
CA LEU B 66 -13.49 -8.72 -1.08
C LEU B 66 -12.11 -8.19 -1.42
N LEU B 67 -11.95 -7.54 -2.56
CA LEU B 67 -10.65 -6.95 -2.89
C LEU B 67 -10.31 -5.82 -1.90
N LEU B 68 -11.24 -4.90 -1.65
CA LEU B 68 -10.94 -3.82 -0.70
C LEU B 68 -10.61 -4.38 0.69
N ILE B 69 -11.33 -5.40 1.12
CA ILE B 69 -11.05 -5.99 2.42
C ILE B 69 -9.64 -6.54 2.44
N LEU B 70 -9.25 -7.22 1.36
CA LEU B 70 -7.89 -7.74 1.31
C LEU B 70 -6.87 -6.63 1.35
N LEU B 71 -7.11 -5.55 0.62
CA LEU B 71 -6.12 -4.47 0.63
C LEU B 71 -6.10 -3.78 1.99
N MET B 72 -7.28 -3.63 2.61
CA MET B 72 -7.31 -3.05 3.95
C MET B 72 -6.52 -3.92 4.91
N ILE B 73 -6.60 -5.25 4.77
CA ILE B 73 -5.87 -6.13 5.70
C ILE B 73 -4.38 -5.92 5.56
N GLU B 74 -3.88 -5.97 4.31
CA GLU B 74 -2.47 -5.73 4.06
C GLU B 74 -2.04 -4.43 4.72
N LEU B 75 -2.81 -3.37 4.49
CA LEU B 75 -2.47 -2.09 5.10
C LEU B 75 -2.57 -2.15 6.62
N ALA B 76 -3.68 -2.69 7.14
CA ALA B 76 -3.90 -2.66 8.58
C ALA B 76 -2.82 -3.45 9.33
N VAL B 77 -2.38 -4.58 8.78
CA VAL B 77 -1.34 -5.37 9.46
C VAL B 77 -0.04 -4.58 9.52
N ARG B 78 0.37 -3.99 8.39
CA ARG B 78 1.58 -3.17 8.39
C ARG B 78 1.42 -2.01 9.34
N ALA B 79 0.19 -1.49 9.45
CA ALA B 79 -0.09 -0.36 10.33
C ALA B 79 0.02 -0.75 11.79
N LEU B 80 -0.46 -1.94 12.14
CA LEU B 80 -0.30 -2.37 13.52
C LEU B 80 1.18 -2.63 13.82
N GLU B 81 1.90 -3.24 12.87
CA GLU B 81 3.30 -3.54 13.09
C GLU B 81 4.12 -2.25 13.22
N ALA B 82 3.85 -1.26 12.37
CA ALA B 82 4.54 0.03 12.49
C ALA B 82 4.20 0.73 13.81
N ALA B 83 2.92 0.71 14.21
CA ALA B 83 2.55 1.34 15.48
C ALA B 83 3.19 0.64 16.68
N GLU B 84 3.47 -0.66 16.56
CA GLU B 84 4.18 -1.34 17.64
C GLU B 84 5.65 -0.91 17.66
N ARG B 85 6.28 -0.89 16.48
CA ARG B 85 7.67 -0.49 16.31
C ARG B 85 8.03 0.83 16.98
N THR B 86 7.04 1.59 17.47
CA THR B 86 7.34 2.81 18.21
C THR B 86 7.57 2.57 19.69
N GLY B 87 7.20 1.39 20.20
CA GLY B 87 7.29 1.11 21.63
C GLY B 87 6.34 1.89 22.51
N ASP B 88 5.44 2.69 21.93
CA ASP B 88 4.57 3.57 22.72
C ASP B 88 3.20 2.91 22.90
N PRO B 89 2.80 2.59 24.13
CA PRO B 89 1.47 1.94 24.33
C PRO B 89 0.29 2.75 23.81
N GLU B 90 0.37 4.08 23.82
CA GLU B 90 -0.77 4.88 23.37
C GLU B 90 -0.89 4.90 21.85
N VAL B 91 0.25 5.01 21.14
CA VAL B 91 0.29 4.80 19.70
C VAL B 91 -0.37 3.46 19.35
N ARG B 92 0.07 2.37 19.99
CA ARG B 92 -0.50 1.05 19.75
C ARG B 92 -2.01 1.06 19.93
N GLU B 93 -2.49 1.69 20.98
CA GLU B 93 -3.91 1.59 21.29
C GLU B 93 -4.75 2.40 20.32
N LEU B 94 -4.23 3.54 19.85
CA LEU B 94 -4.98 4.32 18.87
C LEU B 94 -5.05 3.61 17.53
N ALA B 95 -3.92 3.08 17.07
CA ALA B 95 -3.96 2.29 15.84
C ALA B 95 -4.94 1.14 15.98
N ALA B 96 -4.99 0.52 17.17
CA ALA B 96 -5.84 -0.65 17.33
C ALA B 96 -7.31 -0.28 17.24
N GLU B 97 -7.71 0.86 17.84
CA GLU B 97 -9.11 1.28 17.74
C GLU B 97 -9.52 1.53 16.29
N LEU B 98 -8.65 2.18 15.49
CA LEU B 98 -8.95 2.36 14.07
C LEU B 98 -9.02 1.03 13.33
N VAL B 99 -8.15 0.06 13.65
CA VAL B 99 -8.22 -1.24 12.98
C VAL B 99 -9.48 -1.97 13.39
N TRP B 100 -9.89 -1.82 14.66
CA TRP B 100 -11.17 -2.42 15.07
C TRP B 100 -12.32 -1.84 14.25
N LEU B 101 -12.29 -0.52 13.98
CA LEU B 101 -13.36 0.08 13.17
C LEU B 101 -13.34 -0.46 11.74
N ALA B 102 -12.14 -0.68 11.21
CA ALA B 102 -12.03 -1.19 9.85
C ALA B 102 -12.56 -2.61 9.76
N VAL B 103 -12.31 -3.41 10.80
CA VAL B 103 -12.86 -4.76 10.80
C VAL B 103 -14.39 -4.72 10.85
N GLU B 104 -14.95 -3.80 11.66
CA GLU B 104 -16.41 -3.65 11.70
C GLU B 104 -16.94 -3.16 10.36
N ALA B 105 -16.23 -2.25 9.70
CA ALA B 105 -16.70 -1.78 8.39
C ALA B 105 -16.53 -2.86 7.32
N ALA B 106 -15.53 -3.74 7.47
CA ALA B 106 -15.38 -4.88 6.58
C ALA B 106 -16.56 -5.86 6.71
N GLU B 107 -16.98 -6.15 7.94
CA GLU B 107 -18.15 -6.99 8.16
C GLU B 107 -19.37 -6.42 7.45
N GLU B 108 -19.54 -5.10 7.51
CA GLU B 108 -20.69 -4.48 6.85
C GLU B 108 -20.60 -4.64 5.33
N VAL B 109 -19.41 -4.45 4.78
CA VAL B 109 -19.18 -4.68 3.36
C VAL B 109 -19.51 -6.14 2.99
N GLN B 110 -19.02 -7.09 3.82
CA GLN B 110 -19.36 -8.49 3.57
C GLN B 110 -20.86 -8.72 3.55
N ARG B 111 -21.59 -8.06 4.46
CA ARG B 111 -23.02 -8.31 4.53
C ARG B 111 -23.78 -7.61 3.43
N ASN B 112 -23.24 -6.53 2.87
CA ASN B 112 -23.96 -5.72 1.89
C ASN B 112 -23.02 -5.33 0.75
N PRO B 113 -22.55 -6.31 -0.02
CA PRO B 113 -21.53 -6.00 -1.03
C PRO B 113 -22.06 -5.12 -2.14
N SER B 114 -23.37 -4.96 -2.26
CA SER B 114 -23.88 -4.09 -3.33
C SER B 114 -23.98 -2.62 -2.93
N SER B 115 -23.67 -2.27 -1.69
CA SER B 115 -23.85 -0.89 -1.25
C SER B 115 -22.58 -0.08 -1.50
N SER B 116 -22.70 0.98 -2.28
CA SER B 116 -21.55 1.83 -2.57
C SER B 116 -21.16 2.69 -1.36
N ASP B 117 -22.16 3.17 -0.61
CA ASP B 117 -21.87 3.91 0.62
C ASP B 117 -21.09 3.07 1.62
N VAL B 118 -21.46 1.79 1.78
CA VAL B 118 -20.78 0.95 2.76
C VAL B 118 -19.34 0.66 2.31
N TRP B 119 -19.15 0.46 1.00
CA TRP B 119 -17.80 0.25 0.47
C TRP B 119 -16.93 1.48 0.68
N LEU B 120 -17.50 2.65 0.41
CA LEU B 120 -16.75 3.90 0.55
C LEU B 120 -16.40 4.19 2.00
N ALA B 121 -17.27 3.79 2.93
CA ALA B 121 -16.97 3.99 4.35
C ALA B 121 -15.74 3.18 4.77
N LEU B 122 -15.69 1.90 4.37
CA LEU B 122 -14.49 1.10 4.62
C LEU B 122 -13.27 1.71 3.95
N HIS B 123 -13.44 2.18 2.72
CA HIS B 123 -12.34 2.77 1.99
C HIS B 123 -11.81 4.02 2.69
N LEU B 124 -12.69 4.91 3.17
CA LEU B 124 -12.18 6.08 3.88
C LEU B 124 -11.51 5.70 5.20
N ILE B 125 -12.00 4.66 5.88
CA ILE B 125 -11.36 4.26 7.14
C ILE B 125 -9.95 3.71 6.87
N MET B 126 -9.79 2.97 5.77
CA MET B 126 -8.45 2.55 5.36
C MET B 126 -7.55 3.76 5.09
N LEU B 127 -8.10 4.82 4.47
CA LEU B 127 -7.26 6.02 4.29
C LEU B 127 -6.91 6.66 5.63
N ALA B 128 -7.87 6.66 6.56
CA ALA B 128 -7.60 7.17 7.91
C ALA B 128 -6.48 6.43 8.61
N ILE B 129 -6.48 5.09 8.49
CA ILE B 129 -5.39 4.30 9.09
C ILE B 129 -4.04 4.74 8.52
N TRP B 130 -3.96 4.88 7.20
CA TRP B 130 -2.74 5.32 6.52
C TRP B 130 -2.27 6.67 7.05
N ALA B 131 -3.17 7.63 7.13
CA ALA B 131 -2.80 8.95 7.65
C ALA B 131 -2.39 8.87 9.11
N ALA B 132 -3.13 8.12 9.92
CA ALA B 132 -2.83 8.05 11.34
C ALA B 132 -1.43 7.50 11.59
N VAL B 133 -1.07 6.46 10.85
CA VAL B 133 0.23 5.86 11.09
C VAL B 133 1.34 6.79 10.62
N ALA B 134 1.13 7.49 9.51
CA ALA B 134 2.09 8.50 9.10
C ALA B 134 2.31 9.54 10.21
N ALA B 135 1.21 10.03 10.81
CA ALA B 135 1.31 11.04 11.86
C ALA B 135 2.10 10.53 13.06
N LEU B 136 1.76 9.33 13.52
CA LEU B 136 2.34 8.84 14.75
C LEU B 136 3.79 8.45 14.55
N GLU B 137 4.15 8.02 13.34
CA GLU B 137 5.55 7.74 13.06
C GLU B 137 6.34 9.03 12.96
N ALA B 138 5.79 10.04 12.28
CA ALA B 138 6.46 11.33 12.20
C ALA B 138 6.63 11.94 13.58
N ALA B 139 5.65 11.74 14.46
CA ALA B 139 5.75 12.34 15.79
C ALA B 139 6.80 11.63 16.63
N GLU B 140 7.00 10.32 16.44
CA GLU B 140 8.02 9.66 17.26
C GLU B 140 9.43 10.08 16.84
N ARG B 141 9.63 10.46 15.57
CA ARG B 141 10.95 10.91 15.14
C ARG B 141 11.36 12.23 15.75
N THR B 142 10.42 13.06 16.23
CA THR B 142 10.77 14.37 16.77
C THR B 142 11.24 14.28 18.20
N GLY B 143 10.70 13.36 18.98
CA GLY B 143 10.96 13.38 20.42
C GLY B 143 10.67 14.71 21.10
N ASP B 144 9.80 15.55 20.51
CA ASP B 144 9.33 16.75 21.18
C ASP B 144 8.01 16.41 21.85
N PRO B 145 7.88 16.55 23.17
CA PRO B 145 6.69 16.01 23.85
C PRO B 145 5.40 16.66 23.39
N GLU B 146 5.41 17.98 23.12
CA GLU B 146 4.16 18.62 22.71
C GLU B 146 3.71 18.12 21.35
N VAL B 147 4.64 17.95 20.40
CA VAL B 147 4.27 17.43 19.08
C VAL B 147 3.71 16.03 19.19
N ARG B 148 4.33 15.20 20.05
CA ARG B 148 3.82 13.86 20.26
C ARG B 148 2.39 13.91 20.76
N GLU B 149 2.08 14.87 21.66
CA GLU B 149 0.74 14.97 22.21
C GLU B 149 -0.25 15.49 21.15
N LEU B 150 0.16 16.45 20.32
CA LEU B 150 -0.74 16.99 19.31
C LEU B 150 -1.07 15.94 18.26
N ALA B 151 -0.10 15.11 17.93
CA ALA B 151 -0.36 14.05 16.97
C ALA B 151 -1.32 13.04 17.57
N ARG B 152 -1.18 12.77 18.87
CA ARG B 152 -2.18 11.94 19.53
C ARG B 152 -3.55 12.59 19.47
N GLU B 153 -3.62 13.90 19.71
CA GLU B 153 -4.91 14.59 19.69
C GLU B 153 -5.58 14.45 18.32
N LEU B 154 -4.80 14.66 17.25
CA LEU B 154 -5.32 14.49 15.88
C LEU B 154 -5.85 13.08 15.66
N VAL B 155 -5.09 12.08 16.09
CA VAL B 155 -5.53 10.73 15.79
C VAL B 155 -6.76 10.38 16.62
N ARG B 156 -6.88 10.96 17.82
CA ARG B 156 -8.08 10.71 18.63
C ARG B 156 -9.32 11.26 17.93
N LEU B 157 -9.20 12.45 17.33
CA LEU B 157 -10.27 13.02 16.51
C LEU B 157 -10.60 12.12 15.33
N ALA B 158 -9.58 11.52 14.71
CA ALA B 158 -9.88 10.65 13.57
C ALA B 158 -10.64 9.41 14.02
N VAL B 159 -10.26 8.81 15.15
CA VAL B 159 -11.00 7.65 15.66
C VAL B 159 -12.47 8.00 15.87
N GLU B 160 -12.71 9.12 16.56
CA GLU B 160 -14.10 9.50 16.81
C GLU B 160 -14.83 9.73 15.51
N ALA B 161 -14.18 10.34 14.52
CA ALA B 161 -14.92 10.60 13.28
C ALA B 161 -15.03 9.33 12.42
N ALA B 162 -14.06 8.42 12.54
CA ALA B 162 -14.17 7.15 11.82
C ALA B 162 -15.26 6.28 12.41
N GLU B 163 -15.49 6.34 13.74
CA GLU B 163 -16.62 5.62 14.29
C GLU B 163 -17.94 6.12 13.71
N GLU B 164 -18.09 7.45 13.58
CA GLU B 164 -19.35 7.98 13.04
C GLU B 164 -19.59 7.57 11.59
N VAL B 165 -18.52 7.55 10.79
CA VAL B 165 -18.63 7.05 9.42
C VAL B 165 -19.03 5.58 9.41
N GLN B 166 -18.31 4.76 10.18
CA GLN B 166 -18.60 3.32 10.24
C GLN B 166 -20.07 3.08 10.60
N ARG B 167 -20.61 3.88 11.51
CA ARG B 167 -21.96 3.60 12.00
C ARG B 167 -23.04 4.29 11.16
N ASN B 168 -22.66 5.21 10.27
CA ASN B 168 -23.64 5.92 9.43
C ASN B 168 -23.04 6.14 8.06
N PRO B 169 -22.81 5.05 7.31
CA PRO B 169 -22.06 5.20 6.05
C PRO B 169 -22.77 6.04 5.01
N SER B 170 -24.08 6.22 5.13
CA SER B 170 -24.71 7.00 4.07
C SER B 170 -24.78 8.51 4.38
N SER B 171 -24.24 8.97 5.51
CA SER B 171 -24.28 10.40 5.83
C SER B 171 -23.14 11.11 5.11
N LYS B 172 -23.46 12.10 4.28
CA LYS B 172 -22.40 12.79 3.56
C LYS B 172 -21.66 13.79 4.47
N GLU B 173 -22.34 14.41 5.42
CA GLU B 173 -21.63 15.32 6.32
C GLU B 173 -20.66 14.58 7.21
N VAL B 174 -21.00 13.38 7.63
CA VAL B 174 -20.12 12.60 8.48
C VAL B 174 -18.90 12.16 7.69
N TYR B 175 -19.13 11.69 6.47
CA TYR B 175 -18.04 11.33 5.58
C TYR B 175 -17.08 12.50 5.41
N MET B 176 -17.64 13.67 5.12
CA MET B 176 -16.80 14.84 4.91
C MET B 176 -16.11 15.29 6.20
N ALA B 177 -16.74 15.11 7.38
CA ALA B 177 -16.02 15.44 8.62
C ALA B 177 -14.74 14.62 8.78
N LEU B 178 -14.78 13.33 8.44
CA LEU B 178 -13.56 12.52 8.50
C LEU B 178 -12.53 13.02 7.50
N LEU B 179 -12.97 13.30 6.26
CA LEU B 179 -12.02 13.78 5.26
C LEU B 179 -11.33 15.05 5.73
N LEU B 180 -12.06 15.91 6.44
CA LEU B 180 -11.48 17.17 6.91
C LEU B 180 -10.39 16.90 7.93
N ILE B 181 -10.59 15.88 8.75
CA ILE B 181 -9.60 15.56 9.76
C ILE B 181 -8.38 14.92 9.13
N LEU B 182 -8.58 14.09 8.08
CA LEU B 182 -7.43 13.51 7.38
C LEU B 182 -6.58 14.60 6.72
N ILE B 183 -7.24 15.60 6.16
CA ILE B 183 -6.52 16.74 5.58
C ILE B 183 -5.66 17.43 6.64
N ALA B 184 -6.25 17.69 7.81
CA ALA B 184 -5.47 18.28 8.89
C ALA B 184 -4.31 17.37 9.27
N ILE B 185 -4.54 16.06 9.26
CA ILE B 185 -3.47 15.17 9.67
C ILE B 185 -2.32 15.22 8.68
N LEU B 186 -2.63 15.23 7.38
CA LEU B 186 -1.55 15.28 6.39
C LEU B 186 -0.82 16.63 6.42
N GLU B 187 -1.56 17.70 6.67
CA GLU B 187 -0.90 19.01 6.77
C GLU B 187 0.07 19.02 7.94
N ALA B 188 -0.32 18.37 9.03
CA ALA B 188 0.59 18.21 10.17
C ALA B 188 1.78 17.32 9.81
N VAL B 189 1.55 16.17 9.18
CA VAL B 189 2.68 15.30 8.79
C VAL B 189 3.67 16.08 7.92
N LEU B 190 3.13 16.83 6.95
CA LEU B 190 3.99 17.53 6.00
C LEU B 190 4.83 18.60 6.69
N SER B 191 4.29 19.20 7.75
CA SER B 191 5.06 20.20 8.50
C SER B 191 6.17 19.54 9.30
N LEU B 192 5.92 18.38 9.91
CA LEU B 192 6.98 17.71 10.65
C LEU B 192 8.08 17.21 9.73
N LEU B 193 7.73 16.72 8.55
CA LEU B 193 8.75 16.22 7.62
C LEU B 193 9.63 17.35 7.10
N ARG B 194 9.02 18.47 6.71
CA ARG B 194 9.81 19.62 6.28
C ARG B 194 10.72 20.15 7.40
N ALA B 195 10.38 19.91 8.66
CA ALA B 195 11.31 20.32 9.72
C ALA B 195 12.44 19.32 9.89
N GLU B 196 12.12 18.03 9.78
CA GLU B 196 13.15 16.99 9.82
C GLU B 196 14.32 17.33 8.88
N ARG B 197 14.00 17.80 7.67
CA ARG B 197 15.02 18.19 6.69
C ARG B 197 15.20 19.70 6.72
N SER B 198 15.71 20.20 7.84
CA SER B 198 16.07 21.60 7.99
C SER B 198 16.95 21.73 9.23
N GLY B 199 17.35 22.97 9.52
CA GLY B 199 18.32 23.22 10.57
C GLY B 199 17.81 23.58 11.97
N ASP B 200 17.30 24.81 12.13
CA ASP B 200 17.24 25.48 13.42
C ASP B 200 16.12 24.96 14.32
N PRO B 201 16.24 25.18 15.64
CA PRO B 201 15.06 25.08 16.52
C PRO B 201 14.02 26.16 16.24
N GLU B 202 14.39 27.18 15.45
CA GLU B 202 13.38 28.00 14.78
C GLU B 202 12.43 27.12 13.97
N LYS B 203 13.00 26.16 13.23
CA LYS B 203 12.17 25.24 12.45
C LYS B 203 11.37 24.31 13.35
N ARG B 204 11.90 23.96 14.52
CA ARG B 204 11.15 23.14 15.47
C ARG B 204 9.89 23.86 15.92
N GLU B 205 10.03 25.11 16.37
CA GLU B 205 8.88 25.84 16.88
C GLU B 205 7.95 26.25 15.74
N LYS B 206 8.51 26.49 14.56
CA LYS B 206 7.68 26.71 13.37
C LYS B 206 6.80 25.48 13.11
N ALA B 207 7.42 24.29 13.11
CA ALA B 207 6.65 23.08 12.87
C ALA B 207 5.59 22.89 13.94
N ARG B 208 5.96 23.15 15.20
CA ARG B 208 5.00 23.02 16.28
C ARG B 208 3.79 23.90 16.04
N GLU B 209 4.02 25.17 15.67
CA GLU B 209 2.91 26.08 15.44
C GLU B 209 2.02 25.58 14.32
N ARG B 210 2.60 25.02 13.25
CA ARG B 210 1.76 24.51 12.17
C ARG B 210 0.95 23.32 12.62
N VAL B 211 1.52 22.44 13.44
CA VAL B 211 0.75 21.32 13.96
C VAL B 211 -0.36 21.82 14.89
N ARG B 212 -0.05 22.80 15.74
CA ARG B 212 -1.06 23.37 16.62
C ARG B 212 -2.22 23.92 15.80
N GLU B 213 -1.90 24.65 14.72
CA GLU B 213 -2.95 25.18 13.85
C GLU B 213 -3.73 24.07 13.16
N ALA B 214 -3.07 22.95 12.86
CA ALA B 214 -3.80 21.85 12.22
C ALA B 214 -4.82 21.25 13.17
N VAL B 215 -4.46 21.10 14.46
CA VAL B 215 -5.37 20.52 15.44
C VAL B 215 -6.57 21.44 15.68
N GLU B 216 -6.32 22.76 15.69
CA GLU B 216 -7.42 23.70 15.89
C GLU B 216 -8.40 23.64 14.73
N ARG B 217 -7.87 23.54 13.50
CA ARG B 217 -8.71 23.34 12.33
C ARG B 217 -9.54 22.07 12.46
N ALA B 218 -8.88 20.94 12.76
CA ALA B 218 -9.62 19.69 12.93
C ALA B 218 -10.68 19.80 14.01
N GLU B 219 -10.39 20.53 15.10
CA GLU B 219 -11.31 20.58 16.23
C GLU B 219 -12.63 21.24 15.88
N GLU B 220 -12.62 22.14 14.90
CA GLU B 220 -13.86 22.72 14.38
C GLU B 220 -14.75 21.66 13.72
#